data_2QBX
#
_entry.id   2QBX
#
_cell.length_a   40.183
_cell.length_b   40.183
_cell.length_c   235.025
_cell.angle_alpha   90.00
_cell.angle_beta   90.00
_cell.angle_gamma   120.00
#
_symmetry.space_group_name_H-M   'P 32'
#
loop_
_entity.id
_entity.type
_entity.pdbx_description
1 polymer 'Ephrin type-B receptor 2'
2 polymer 'antagonistic peptide'
3 non-polymer 'SULFATE ION'
4 water water
#
loop_
_entity_poly.entity_id
_entity_poly.type
_entity_poly.pdbx_seq_one_letter_code
_entity_poly.pdbx_strand_id
1 'polypeptide(L)'
;MVSAIVLYVLLAAAAHSAFAAMVHHHHHHSAEETLMDSTTATAELGWMVHPPSGWEEVSGYDENMNTIRTYQVCNVFESS
QNNWLRTKFIRRRGAHRIHVEMKFSVRDCSSIPSVPGSCKETFNLYYYEADFDSATKTFPNWMENPWVKVDTIAADESFS
QVDLGGRVMKINTEVRSFGPVSRSGFYLAFQDYGGCMSLIAVRVFYRK
;
A,B
2 'polypeptide(L)' SNEWIQPRLPQH D,P
#
# COMPACT_ATOMS: atom_id res chain seq x y z
N GLU A 32 21.31 13.22 0.83
CA GLU A 32 21.67 13.56 -0.58
C GLU A 32 20.49 14.11 -1.40
N GLU A 33 19.60 13.25 -1.90
CA GLU A 33 18.56 13.71 -2.84
C GLU A 33 17.22 14.18 -2.23
N THR A 34 16.90 15.46 -2.41
CA THR A 34 15.69 16.07 -1.83
C THR A 34 14.39 15.76 -2.60
N LEU A 35 13.41 15.24 -1.89
CA LEU A 35 12.06 15.02 -2.41
C LEU A 35 11.11 16.18 -2.05
N MET A 36 11.34 16.79 -0.88
CA MET A 36 10.58 17.98 -0.45
C MET A 36 11.40 18.77 0.59
N ASP A 37 11.36 20.10 0.45
CA ASP A 37 11.97 21.00 1.41
C ASP A 37 11.07 22.20 1.61
N SER A 38 10.40 22.26 2.77
CA SER A 38 9.48 23.33 3.12
C SER A 38 10.15 24.74 3.12
N THR A 39 11.46 24.74 3.31
CA THR A 39 12.37 25.91 3.39
C THR A 39 12.54 26.64 2.03
N THR A 40 12.10 25.99 0.98
CA THR A 40 12.27 26.41 -0.40
C THR A 40 10.95 26.91 -0.99
N ALA A 41 9.87 26.83 -0.23
CA ALA A 41 8.59 27.24 -0.74
C ALA A 41 8.65 28.71 -1.23
N THR A 42 8.23 28.90 -2.49
CA THR A 42 8.16 30.22 -3.10
C THR A 42 6.83 30.92 -2.80
N ALA A 43 5.94 30.24 -2.06
CA ALA A 43 4.72 30.85 -1.56
C ALA A 43 4.27 30.11 -0.33
N GLU A 44 3.11 30.44 0.23
CA GLU A 44 2.52 29.64 1.31
C GLU A 44 2.74 28.12 1.19
N LEU A 45 2.98 27.47 2.31
CA LEU A 45 2.93 25.99 2.35
C LEU A 45 1.74 25.25 1.63
N GLY A 46 0.56 25.52 2.21
CA GLY A 46 -0.68 25.09 1.71
C GLY A 46 -1.05 23.78 2.33
N TRP A 47 -0.55 23.52 3.55
CA TRP A 47 -0.65 22.19 4.11
C TRP A 47 -1.96 22.11 4.83
N MET A 48 -2.58 20.95 4.84
CA MET A 48 -3.89 20.81 5.42
C MET A 48 -3.75 20.76 6.90
N VAL A 49 -4.58 21.51 7.61
CA VAL A 49 -4.63 21.45 9.04
C VAL A 49 -6.03 21.03 9.50
N HIS A 50 -6.08 20.20 10.51
CA HIS A 50 -7.27 19.59 11.00
C HIS A 50 -7.16 19.39 12.52
N PRO A 51 -7.85 20.22 13.32
CA PRO A 51 -8.76 21.31 12.95
C PRO A 51 -8.04 22.58 12.62
N PRO A 52 -8.71 23.50 11.91
CA PRO A 52 -8.13 24.81 11.58
C PRO A 52 -7.73 25.65 12.80
N SER A 53 -8.31 25.31 13.96
CA SER A 53 -7.91 25.91 15.21
C SER A 53 -6.52 25.44 15.75
N GLY A 54 -5.95 24.34 15.23
CA GLY A 54 -4.69 23.81 15.81
C GLY A 54 -3.46 24.44 15.18
N TRP A 55 -2.81 23.71 14.27
CA TRP A 55 -1.64 24.25 13.57
C TRP A 55 -2.00 25.48 12.75
N GLU A 56 -1.04 26.38 12.54
CA GLU A 56 -1.22 27.60 11.76
C GLU A 56 0.02 27.99 11.01
N GLU A 57 -0.08 28.28 9.73
CA GLU A 57 1.10 28.72 9.02
C GLU A 57 1.47 30.14 9.47
N VAL A 58 2.74 30.35 9.83
CA VAL A 58 3.26 31.63 10.41
C VAL A 58 4.62 31.86 9.79
N SER A 59 5.03 33.11 9.51
CA SER A 59 6.43 33.32 9.07
C SER A 59 7.34 33.11 10.31
N GLY A 60 8.56 32.65 10.10
CA GLY A 60 9.44 32.39 11.24
C GLY A 60 10.87 32.25 10.84
N TYR A 61 11.73 32.18 11.84
CA TYR A 61 13.16 32.13 11.62
C TYR A 61 13.71 30.74 11.46
N ASP A 62 14.59 30.66 10.47
CA ASP A 62 15.77 29.79 10.44
C ASP A 62 16.66 29.89 11.64
N GLU A 63 17.57 28.89 11.72
CA GLU A 63 18.87 28.98 12.41
C GLU A 63 19.78 30.14 11.97
N ASN A 64 19.80 30.48 10.68
CA ASN A 64 20.49 31.67 10.17
C ASN A 64 19.66 32.98 10.22
N MET A 65 18.51 32.98 10.88
CA MET A 65 17.61 34.14 10.95
C MET A 65 17.04 34.56 9.60
N ASN A 66 17.06 33.68 8.60
CA ASN A 66 16.28 33.89 7.38
C ASN A 66 14.83 33.61 7.72
N THR A 67 13.92 34.29 7.05
CA THR A 67 12.52 34.22 7.40
C THR A 67 11.86 33.28 6.43
N ILE A 68 11.18 32.26 6.98
CA ILE A 68 10.59 31.16 6.20
C ILE A 68 9.15 30.89 6.65
N ARG A 69 8.47 29.97 5.96
CA ARG A 69 7.14 29.54 6.36
C ARG A 69 7.29 28.41 7.37
N THR A 70 6.52 28.47 8.45
CA THR A 70 6.52 27.49 9.46
C THR A 70 5.06 27.22 9.89
N TYR A 71 4.88 26.18 10.72
CA TYR A 71 3.59 25.88 11.34
C TYR A 71 3.75 25.84 12.83
N GLN A 72 2.81 26.43 13.52
CA GLN A 72 2.86 26.65 14.93
C GLN A 72 1.53 26.20 15.52
N VAL A 73 1.59 25.66 16.72
CA VAL A 73 0.43 25.26 17.46
C VAL A 73 0.77 25.48 18.93
N CYS A 74 -0.18 26.02 19.70
CA CYS A 74 0.04 26.23 21.10
C CYS A 74 -1.24 26.35 21.88
N ASN A 75 -2.06 25.30 21.84
CA ASN A 75 -3.39 25.37 22.45
C ASN A 75 -3.30 24.79 23.85
N VAL A 76 -2.38 25.34 24.63
CA VAL A 76 -2.12 24.82 25.96
C VAL A 76 -3.22 25.13 26.99
N PHE A 77 -4.14 26.01 26.64
CA PHE A 77 -5.24 26.35 27.56
C PHE A 77 -6.59 25.61 27.26
N GLU A 78 -6.51 24.60 26.38
CA GLU A 78 -7.66 23.83 25.86
C GLU A 78 -7.47 22.35 26.09
N SER A 79 -8.49 21.69 26.63
CA SER A 79 -8.53 20.25 26.76
C SER A 79 -8.78 19.52 25.40
N SER A 80 -8.44 18.25 25.37
CA SER A 80 -8.79 17.35 24.27
C SER A 80 -8.13 17.74 22.98
N GLN A 81 -6.85 18.14 23.04
CA GLN A 81 -6.19 18.63 21.83
C GLN A 81 -5.72 17.45 21.00
N ASN A 82 -6.11 17.45 19.72
CA ASN A 82 -5.60 16.46 18.77
C ASN A 82 -5.47 17.09 17.39
N ASN A 83 -4.36 17.81 17.16
CA ASN A 83 -4.22 18.71 16.05
C ASN A 83 -3.27 18.17 14.99
N TRP A 84 -3.80 17.99 13.78
CA TRP A 84 -3.05 17.41 12.68
C TRP A 84 -2.67 18.43 11.64
N LEU A 85 -1.54 18.18 11.02
CA LEU A 85 -0.97 18.95 9.94
C LEU A 85 -0.44 17.96 8.94
N ARG A 86 -0.63 18.22 7.66
CA ARG A 86 -0.29 17.25 6.63
C ARG A 86 0.32 17.98 5.45
N THR A 87 1.48 17.52 5.00
CA THR A 87 2.16 18.05 3.85
C THR A 87 1.40 17.86 2.58
N LYS A 88 1.90 18.44 1.51
CA LYS A 88 1.38 18.13 0.20
C LYS A 88 1.95 16.76 -0.25
N PHE A 89 1.36 16.20 -1.28
CA PHE A 89 1.79 14.93 -1.83
C PHE A 89 3.23 15.09 -2.26
N ILE A 90 4.09 14.18 -1.85
CA ILE A 90 5.51 14.17 -2.20
C ILE A 90 5.74 12.97 -3.11
N ARG A 91 6.29 13.16 -4.31
CA ARG A 91 6.59 12.04 -5.20
C ARG A 91 7.80 11.26 -4.68
N ARG A 92 7.84 9.97 -4.99
CA ARG A 92 8.89 9.06 -4.47
C ARG A 92 10.18 9.12 -5.33
N ARG A 93 10.00 9.33 -6.63
CA ARG A 93 11.12 9.45 -7.60
C ARG A 93 12.15 8.35 -7.45
N GLY A 94 11.70 7.10 -7.36
CA GLY A 94 12.62 5.95 -7.29
C GLY A 94 13.14 5.54 -5.91
N ALA A 95 13.03 6.42 -4.90
CA ALA A 95 13.45 6.13 -3.52
C ALA A 95 12.76 4.93 -2.90
N HIS A 96 13.44 4.25 -1.99
CA HIS A 96 12.84 3.20 -1.19
C HIS A 96 12.91 3.54 0.30
N ARG A 97 14.02 4.07 0.76
CA ARG A 97 14.09 4.53 2.14
C ARG A 97 14.01 6.04 2.16
N ILE A 98 13.15 6.55 3.01
CA ILE A 98 12.90 8.00 3.09
C ILE A 98 13.46 8.55 4.37
N HIS A 99 14.23 9.62 4.24
CA HIS A 99 14.71 10.34 5.41
C HIS A 99 13.98 11.68 5.58
N VAL A 100 13.51 11.93 6.80
CA VAL A 100 12.82 13.15 7.17
C VAL A 100 13.59 13.98 8.22
N GLU A 101 14.11 15.12 7.79
CA GLU A 101 14.81 16.07 8.67
C GLU A 101 13.86 17.17 9.13
N MET A 102 13.61 17.23 10.43
CA MET A 102 12.75 18.22 11.02
C MET A 102 13.56 19.23 11.84
N LYS A 103 13.44 20.53 11.52
CA LYS A 103 13.87 21.62 12.44
C LYS A 103 12.63 22.15 13.16
N PHE A 104 12.71 22.33 14.47
CA PHE A 104 11.55 22.76 15.24
C PHE A 104 11.92 23.35 16.61
N SER A 105 10.98 24.13 17.16
CA SER A 105 11.15 24.70 18.51
C SER A 105 10.03 24.34 19.41
N VAL A 106 10.37 23.74 20.55
CA VAL A 106 9.39 23.47 21.59
C VAL A 106 9.48 24.49 22.72
N ARG A 107 8.34 25.01 23.13
CA ARG A 107 8.24 25.75 24.39
C ARG A 107 7.76 24.85 25.52
N ASP A 108 8.69 24.16 26.17
CA ASP A 108 9.00 24.43 27.58
C ASP A 108 7.82 24.77 28.49
N CYS A 109 6.99 23.77 28.77
CA CYS A 109 5.87 23.95 29.69
C CYS A 109 6.20 24.73 30.95
N SER A 110 7.36 24.44 31.54
CA SER A 110 7.90 25.26 32.66
C SER A 110 7.96 26.73 32.32
N SER A 111 8.17 27.05 31.07
CA SER A 111 8.32 28.41 30.64
C SER A 111 7.03 29.03 30.04
N ILE A 112 5.86 28.53 30.41
CA ILE A 112 4.60 29.10 29.89
C ILE A 112 3.81 29.57 31.09
N PRO A 113 3.68 30.90 31.29
CA PRO A 113 3.00 31.30 32.51
C PRO A 113 1.59 30.76 32.60
N SER A 114 1.23 30.32 33.80
CA SER A 114 -0.14 29.87 34.17
C SER A 114 -0.64 28.60 33.43
N VAL A 115 0.27 27.89 32.76
CA VAL A 115 -0.09 26.69 31.99
C VAL A 115 -0.63 25.56 32.87
N PRO A 116 -1.72 24.90 32.44
CA PRO A 116 -2.19 23.66 33.12
C PRO A 116 -1.22 22.47 33.03
N GLY A 117 -1.39 21.52 33.94
CA GLY A 117 -0.43 20.42 34.09
C GLY A 117 -0.46 19.37 32.98
N SER A 118 -1.36 19.53 32.03
CA SER A 118 -1.51 18.56 31.00
C SER A 118 -0.63 18.92 29.84
N CYS A 119 0.08 20.05 29.95
CA CYS A 119 0.97 20.53 28.89
C CYS A 119 1.96 19.45 28.41
N LYS A 120 2.29 19.47 27.11
CA LYS A 120 3.07 18.42 26.45
C LYS A 120 4.22 19.07 25.73
N GLU A 121 5.24 18.27 25.42
CA GLU A 121 6.46 18.78 24.83
C GLU A 121 6.95 17.94 23.68
N THR A 122 6.07 17.13 23.11
CA THR A 122 6.42 16.29 21.95
C THR A 122 5.32 16.34 20.87
N PHE A 123 5.69 15.94 19.66
CA PHE A 123 4.74 15.62 18.63
C PHE A 123 5.05 14.26 17.96
N ASN A 124 3.98 13.67 17.39
CA ASN A 124 4.15 12.51 16.53
C ASN A 124 4.30 12.86 15.07
N LEU A 125 5.04 12.00 14.39
CA LEU A 125 5.23 12.00 12.95
C LEU A 125 4.65 10.68 12.37
N TYR A 126 3.95 10.80 11.23
CA TYR A 126 3.32 9.70 10.50
C TYR A 126 3.58 9.85 9.00
N TYR A 127 3.55 8.75 8.26
CA TYR A 127 3.40 8.87 6.79
C TYR A 127 2.22 8.03 6.28
N TYR A 128 1.86 8.30 5.03
CA TYR A 128 0.84 7.54 4.35
C TYR A 128 1.22 7.58 2.87
N GLU A 129 1.35 6.41 2.23
CA GLU A 129 1.65 6.38 0.79
C GLU A 129 0.39 6.27 -0.04
N ALA A 130 0.49 6.64 -1.31
CA ALA A 130 -0.68 6.72 -2.19
C ALA A 130 -0.21 6.65 -3.62
N ASP A 131 -1.10 6.29 -4.53
CA ASP A 131 -0.79 6.04 -5.92
C ASP A 131 -0.95 7.33 -6.73
N PHE A 132 -1.66 8.28 -6.14
CA PHE A 132 -1.81 9.59 -6.68
C PHE A 132 -2.20 10.52 -5.52
N ASP A 133 -2.35 11.80 -5.85
CA ASP A 133 -2.68 12.83 -4.90
C ASP A 133 -4.13 12.68 -4.51
N SER A 134 -4.38 11.77 -3.60
CA SER A 134 -5.73 11.38 -3.24
C SER A 134 -6.29 12.14 -2.03
N ALA A 135 -5.41 12.80 -1.29
CA ALA A 135 -5.86 13.54 -0.09
C ALA A 135 -6.93 14.61 -0.36
N THR A 136 -7.86 14.70 0.57
CA THR A 136 -8.94 15.66 0.57
C THR A 136 -9.06 16.15 2.01
N LYS A 137 -10.12 16.87 2.34
CA LYS A 137 -10.24 17.43 3.67
C LYS A 137 -10.50 16.36 4.70
N THR A 138 -11.21 15.31 4.32
CA THR A 138 -11.66 14.20 5.21
C THR A 138 -10.95 12.85 4.98
N PHE A 139 -10.25 12.74 3.87
CA PHE A 139 -9.48 11.52 3.62
C PHE A 139 -8.01 11.85 3.37
N PRO A 140 -7.09 11.02 3.89
CA PRO A 140 -7.32 9.92 4.83
C PRO A 140 -7.80 10.31 6.23
N ASN A 141 -8.45 9.38 6.92
CA ASN A 141 -8.85 9.61 8.28
C ASN A 141 -7.66 10.21 9.05
N TRP A 142 -8.00 11.14 9.91
CA TRP A 142 -7.06 11.90 10.73
C TRP A 142 -6.74 11.13 12.00
N MET A 143 -6.02 10.02 11.84
CA MET A 143 -5.71 9.11 12.94
C MET A 143 -4.74 8.03 12.50
N GLU A 144 -3.98 7.50 13.43
CA GLU A 144 -3.13 6.35 13.17
C GLU A 144 -3.97 5.26 12.54
N ASN A 145 -3.48 4.68 11.44
CA ASN A 145 -4.29 3.76 10.64
C ASN A 145 -5.44 4.46 9.94
N PRO A 146 -5.12 5.19 8.88
CA PRO A 146 -4.31 4.65 7.78
C PRO A 146 -2.88 5.20 7.81
N TRP A 147 -2.69 6.32 8.49
CA TRP A 147 -1.35 6.83 8.77
C TRP A 147 -0.51 5.80 9.52
N VAL A 148 0.77 5.72 9.19
CA VAL A 148 1.71 4.88 9.93
C VAL A 148 2.69 5.80 10.67
N LYS A 149 2.68 5.63 11.99
CA LYS A 149 3.56 6.34 12.95
C LYS A 149 4.99 6.02 12.69
N VAL A 150 5.81 7.06 12.55
CA VAL A 150 7.26 6.90 12.42
C VAL A 150 7.83 6.95 13.84
N ASP A 151 7.59 8.02 14.58
CA ASP A 151 8.05 8.12 15.95
C ASP A 151 7.43 9.31 16.67
N THR A 152 7.45 9.27 18.00
CA THR A 152 7.22 10.46 18.82
C THR A 152 8.50 11.28 18.89
N ILE A 153 8.42 12.57 18.51
CA ILE A 153 9.58 13.45 18.35
C ILE A 153 9.63 14.38 19.55
N ALA A 154 10.83 14.51 20.10
CA ALA A 154 11.14 15.35 21.26
C ALA A 154 12.40 16.14 21.02
N ALA A 155 12.57 17.20 21.80
CA ALA A 155 13.77 18.04 21.67
C ALA A 155 14.98 17.35 22.34
N ASP A 156 16.08 17.17 21.57
CA ASP A 156 17.38 16.67 22.14
C ASP A 156 18.17 17.77 22.86
N GLU A 157 19.33 17.40 23.40
CA GLU A 157 20.14 18.33 24.19
C GLU A 157 21.28 18.81 23.37
N SER A 158 21.20 18.62 22.06
CA SER A 158 22.06 19.34 21.10
C SER A 158 21.17 20.42 20.52
N PHE A 159 21.69 21.62 20.36
CA PHE A 159 20.89 22.75 19.89
C PHE A 159 21.73 24.00 19.73
N SER A 160 21.07 25.01 19.18
CA SER A 160 21.57 26.38 19.12
C SER A 160 20.46 27.14 19.85
N GLN A 161 20.87 28.12 20.63
CA GLN A 161 19.92 28.96 21.35
C GLN A 161 20.38 30.41 21.18
N VAL A 162 19.49 31.29 20.79
CA VAL A 162 19.84 32.71 20.79
C VAL A 162 18.79 33.53 21.53
N ASP A 163 19.17 34.74 21.91
CA ASP A 163 18.38 35.67 22.73
C ASP A 163 17.77 36.69 21.76
N LEU A 164 16.47 36.56 21.50
CA LEU A 164 15.71 37.53 20.64
C LEU A 164 15.14 38.54 21.62
N GLY A 165 16.01 39.39 22.14
CA GLY A 165 16.12 39.51 23.59
C GLY A 165 14.96 40.13 24.29
N GLY A 166 14.53 39.64 25.43
CA GLY A 166 15.05 38.45 26.10
C GLY A 166 14.03 37.32 26.03
N ARG A 167 13.69 36.90 24.79
CA ARG A 167 13.02 35.61 24.58
C ARG A 167 14.02 34.73 23.86
N VAL A 168 14.21 33.47 24.30
CA VAL A 168 15.24 32.62 23.67
C VAL A 168 14.64 31.81 22.53
N MET A 169 15.29 31.82 21.39
CA MET A 169 14.91 30.94 20.34
C MET A 169 15.85 29.75 20.28
N LYS A 170 15.27 28.60 20.56
CA LYS A 170 15.98 27.33 20.55
C LYS A 170 15.37 26.39 19.48
N ILE A 171 16.20 26.09 18.47
CA ILE A 171 15.88 25.20 17.35
C ILE A 171 16.59 23.83 17.47
N ASN A 172 15.80 22.76 17.65
CA ASN A 172 16.31 21.40 17.56
C ASN A 172 16.19 20.79 16.20
N THR A 173 17.07 19.83 15.92
CA THR A 173 17.06 19.05 14.69
C THR A 173 17.01 17.55 15.03
N GLU A 174 16.10 16.86 14.34
CA GLU A 174 15.88 15.46 14.47
C GLU A 174 15.69 14.91 13.07
N VAL A 175 16.30 13.75 12.85
CA VAL A 175 16.06 12.98 11.63
C VAL A 175 15.43 11.63 12.01
N ARG A 176 14.43 11.21 11.23
CA ARG A 176 13.88 9.87 11.31
C ARG A 176 13.70 9.38 9.91
N SER A 177 13.64 8.07 9.78
CA SER A 177 13.58 7.48 8.46
C SER A 177 12.58 6.34 8.46
N PHE A 178 12.06 6.04 7.29
CA PHE A 178 11.11 4.96 7.13
C PHE A 178 11.18 4.38 5.73
N GLY A 179 10.58 3.22 5.59
CA GLY A 179 10.64 2.46 4.34
C GLY A 179 10.38 0.97 4.59
N PRO A 180 10.41 0.15 3.52
CA PRO A 180 10.63 0.59 2.17
C PRO A 180 9.35 1.22 1.62
N VAL A 181 9.52 2.19 0.75
CA VAL A 181 8.41 2.93 0.19
C VAL A 181 8.24 2.52 -1.29
N SER A 182 7.01 2.28 -1.72
CA SER A 182 6.80 1.62 -3.01
C SER A 182 5.82 2.31 -3.97
N ARG A 183 5.02 3.26 -3.49
CA ARG A 183 3.98 3.83 -4.37
C ARG A 183 4.36 5.14 -5.05
N SER A 184 3.45 5.69 -5.86
CA SER A 184 3.82 6.86 -6.66
CA SER A 184 3.77 6.88 -6.66
C SER A 184 4.38 7.98 -5.77
N GLY A 185 3.88 8.07 -4.55
CA GLY A 185 4.33 9.06 -3.58
C GLY A 185 3.77 8.86 -2.19
N PHE A 186 3.97 9.85 -1.32
CA PHE A 186 3.48 9.81 0.06
C PHE A 186 3.22 11.22 0.62
N TYR A 187 2.57 11.22 1.78
CA TYR A 187 2.33 12.39 2.65
C TYR A 187 2.98 12.16 4.00
N LEU A 188 3.38 13.27 4.66
CA LEU A 188 3.72 13.25 6.11
C LEU A 188 2.59 13.90 6.91
N ALA A 189 2.46 13.50 8.16
CA ALA A 189 1.63 14.19 9.10
C ALA A 189 2.36 14.41 10.42
N PHE A 190 2.01 15.53 11.01
CA PHE A 190 2.49 15.96 12.30
C PHE A 190 1.26 16.16 13.19
N GLN A 191 1.25 15.49 14.34
CA GLN A 191 0.16 15.52 15.28
C GLN A 191 0.61 16.11 16.63
N ASP A 192 -0.11 17.14 17.11
CA ASP A 192 0.08 17.72 18.45
C ASP A 192 -1.08 17.29 19.37
N TYR A 193 -0.80 17.18 20.65
CA TYR A 193 -1.83 16.78 21.58
C TYR A 193 -1.71 17.60 22.89
N GLY A 194 -1.49 18.90 22.75
CA GLY A 194 -1.52 19.83 23.89
C GLY A 194 -0.19 20.49 24.26
N GLY A 195 0.70 20.66 23.31
CA GLY A 195 1.92 21.39 23.56
C GLY A 195 1.97 22.72 22.85
N CYS A 196 3.18 23.26 22.79
CA CYS A 196 3.39 24.62 22.35
C CYS A 196 4.67 24.59 21.58
N MET A 197 4.59 24.70 20.25
CA MET A 197 5.70 24.47 19.42
C MET A 197 5.55 24.99 18.05
N SER A 198 6.69 25.02 17.35
CA SER A 198 6.73 25.42 16.00
C SER A 198 7.59 24.45 15.21
N LEU A 199 6.99 23.94 14.11
CA LEU A 199 7.69 23.16 13.12
C LEU A 199 8.25 24.13 12.04
N ILE A 200 9.58 24.31 12.07
CA ILE A 200 10.29 25.33 11.34
C ILE A 200 10.69 24.85 9.96
N ALA A 201 11.00 23.58 9.85
CA ALA A 201 11.40 23.02 8.57
C ALA A 201 11.27 21.52 8.53
N VAL A 202 10.93 21.06 7.33
CA VAL A 202 10.82 19.69 7.00
C VAL A 202 11.58 19.53 5.70
N ARG A 203 12.59 18.68 5.72
CA ARG A 203 13.32 18.31 4.55
C ARG A 203 13.22 16.80 4.40
N VAL A 204 12.73 16.37 3.25
CA VAL A 204 12.52 14.96 2.99
C VAL A 204 13.52 14.57 1.90
N PHE A 205 14.31 13.55 2.16
CA PHE A 205 15.32 13.14 1.18
C PHE A 205 15.55 11.60 1.16
N TYR A 206 16.30 11.15 0.15
CA TYR A 206 16.76 9.77 0.06
C TYR A 206 18.25 9.61 -0.36
N ARG A 207 18.77 8.40 -0.09
CA ARG A 207 20.12 7.91 -0.49
C ARG A 207 21.30 8.67 0.13
N GLU B 32 -21.43 -14.37 4.37
CA GLU B 32 -20.25 -13.93 3.57
C GLU B 32 -20.64 -13.31 2.25
N GLU B 33 -19.92 -12.25 1.90
CA GLU B 33 -20.25 -11.38 0.80
C GLU B 33 -19.24 -11.26 -0.33
N THR B 34 -19.74 -11.32 -1.56
CA THR B 34 -18.90 -11.59 -2.72
C THR B 34 -18.34 -10.30 -3.31
N LEU B 35 -17.02 -10.27 -3.51
CA LEU B 35 -16.37 -9.08 -4.05
C LEU B 35 -16.13 -9.22 -5.55
N MET B 36 -15.58 -10.36 -5.96
CA MET B 36 -15.73 -10.82 -7.33
C MET B 36 -16.21 -12.27 -7.37
N ASP B 37 -16.75 -12.69 -8.51
CA ASP B 37 -16.89 -14.10 -8.82
C ASP B 37 -16.82 -14.35 -10.32
N SER B 38 -15.83 -15.14 -10.75
CA SER B 38 -15.51 -15.27 -12.16
C SER B 38 -16.59 -16.04 -12.91
N THR B 39 -17.32 -16.88 -12.19
CA THR B 39 -18.32 -17.74 -12.79
C THR B 39 -19.63 -16.99 -13.00
N THR B 40 -19.62 -15.69 -12.73
CA THR B 40 -20.80 -14.86 -12.90
C THR B 40 -20.63 -13.89 -14.06
N ALA B 41 -19.47 -13.96 -14.72
CA ALA B 41 -19.20 -13.13 -15.89
C ALA B 41 -20.33 -13.23 -16.91
N THR B 42 -20.81 -12.11 -17.37
CA THR B 42 -21.73 -12.07 -18.48
C THR B 42 -21.00 -11.78 -19.76
N ALA B 43 -19.73 -12.13 -19.85
CA ALA B 43 -18.84 -11.46 -20.77
C ALA B 43 -17.68 -12.31 -21.21
N GLU B 44 -16.59 -11.71 -21.63
CA GLU B 44 -15.30 -12.31 -21.30
C GLU B 44 -14.85 -11.80 -19.97
N LEU B 45 -13.94 -12.50 -19.37
CA LEU B 45 -13.35 -12.02 -18.16
C LEU B 45 -12.51 -10.81 -18.50
N GLY B 46 -11.67 -10.99 -19.50
CA GLY B 46 -10.84 -9.96 -20.04
C GLY B 46 -9.68 -9.65 -19.14
N TRP B 47 -9.17 -10.66 -18.46
CA TRP B 47 -8.08 -10.50 -17.52
C TRP B 47 -6.84 -10.38 -18.35
N MET B 48 -5.81 -9.74 -17.81
CA MET B 48 -4.57 -9.54 -18.49
C MET B 48 -3.69 -10.75 -18.38
N VAL B 49 -3.10 -11.11 -19.51
CA VAL B 49 -2.24 -12.24 -19.64
C VAL B 49 -0.91 -11.70 -20.11
N HIS B 50 0.15 -12.14 -19.45
CA HIS B 50 1.50 -11.68 -19.69
C HIS B 50 2.43 -12.88 -19.48
N PRO B 51 2.98 -13.45 -20.56
CA PRO B 51 2.79 -13.13 -21.99
C PRO B 51 1.53 -13.75 -22.53
N PRO B 52 0.99 -13.20 -23.65
CA PRO B 52 -0.30 -13.68 -24.22
C PRO B 52 -0.20 -15.10 -24.74
N SER B 53 1.05 -15.49 -24.92
CA SER B 53 1.60 -16.82 -25.04
C SER B 53 1.26 -17.87 -23.92
N GLY B 54 0.93 -17.39 -22.72
CA GLY B 54 0.85 -18.27 -21.53
C GLY B 54 -0.58 -18.67 -21.25
N TRP B 55 -1.21 -18.00 -20.29
CA TRP B 55 -2.63 -18.26 -19.96
C TRP B 55 -3.52 -17.95 -21.15
N GLU B 56 -4.73 -18.52 -21.23
CA GLU B 56 -5.66 -18.25 -22.34
C GLU B 56 -7.09 -18.47 -21.94
N GLU B 57 -7.97 -17.52 -22.22
CA GLU B 57 -9.34 -17.67 -21.79
C GLU B 57 -10.01 -18.71 -22.69
N VAL B 58 -10.65 -19.72 -22.10
CA VAL B 58 -11.24 -20.85 -22.84
C VAL B 58 -12.54 -21.11 -22.13
N SER B 59 -13.58 -21.55 -22.83
CA SER B 59 -14.82 -21.92 -22.11
C SER B 59 -14.55 -23.31 -21.43
N GLY B 60 -15.24 -23.58 -20.34
CA GLY B 60 -14.98 -24.84 -19.65
C GLY B 60 -16.07 -25.15 -18.69
N TYR B 61 -15.98 -26.35 -18.12
CA TYR B 61 -16.95 -26.79 -17.14
C TYR B 61 -16.56 -26.44 -15.70
N ASP B 62 -17.56 -26.09 -14.94
CA ASP B 62 -17.48 -26.19 -13.48
C ASP B 62 -18.14 -27.51 -13.21
N GLU B 63 -18.60 -27.66 -11.98
CA GLU B 63 -18.44 -28.88 -11.21
C GLU B 63 -19.67 -29.64 -11.55
N ASN B 64 -20.69 -28.87 -11.88
CA ASN B 64 -21.98 -29.29 -12.37
C ASN B 64 -22.10 -29.25 -13.87
N MET B 65 -21.00 -29.24 -14.58
CA MET B 65 -21.03 -29.23 -16.05
C MET B 65 -21.78 -28.02 -16.66
N ASN B 66 -21.88 -26.91 -15.94
CA ASN B 66 -22.31 -25.67 -16.57
C ASN B 66 -21.08 -25.13 -17.24
N THR B 67 -21.24 -24.42 -18.32
CA THR B 67 -20.08 -23.89 -19.03
C THR B 67 -19.81 -22.38 -18.89
N ILE B 68 -18.56 -21.95 -18.70
CA ILE B 68 -18.11 -20.82 -17.83
C ILE B 68 -16.76 -20.38 -18.46
N ARG B 69 -16.35 -19.14 -18.17
CA ARG B 69 -15.02 -18.67 -18.60
C ARG B 69 -13.93 -19.17 -17.65
N THR B 70 -12.87 -19.71 -18.22
CA THR B 70 -11.79 -20.25 -17.49
C THR B 70 -10.49 -19.79 -18.19
N TYR B 71 -9.34 -20.01 -17.54
CA TYR B 71 -8.05 -19.71 -18.08
C TYR B 71 -7.24 -20.94 -17.98
N GLN B 72 -6.63 -21.39 -19.09
CA GLN B 72 -5.68 -22.47 -19.10
C GLN B 72 -4.30 -22.05 -19.56
N VAL B 73 -3.35 -22.90 -19.25
CA VAL B 73 -1.97 -22.69 -19.57
C VAL B 73 -1.39 -24.08 -19.54
N CYS B 74 -0.68 -24.45 -20.60
CA CYS B 74 -0.07 -25.74 -20.64
C CYS B 74 1.09 -25.74 -21.57
N ASN B 75 2.11 -24.98 -21.19
CA ASN B 75 3.31 -24.82 -22.02
C ASN B 75 4.43 -25.73 -21.56
N VAL B 76 4.11 -27.01 -21.45
CA VAL B 76 5.08 -27.98 -20.93
C VAL B 76 6.17 -28.40 -21.91
N PHE B 77 6.11 -27.97 -23.16
CA PHE B 77 7.21 -28.35 -24.08
C PHE B 77 8.13 -27.18 -24.41
N GLU B 78 8.09 -26.17 -23.55
CA GLU B 78 8.71 -24.87 -23.78
C GLU B 78 9.34 -24.46 -22.47
N SER B 79 10.66 -24.22 -22.45
CA SER B 79 11.36 -23.84 -21.21
C SER B 79 11.15 -22.34 -20.81
N SER B 80 11.67 -22.02 -19.63
CA SER B 80 11.66 -20.67 -19.07
C SER B 80 10.26 -20.14 -18.93
N GLN B 81 9.34 -20.96 -18.47
CA GLN B 81 7.94 -20.56 -18.46
C GLN B 81 7.72 -19.67 -17.24
N ASN B 82 7.14 -18.49 -17.47
CA ASN B 82 6.78 -17.58 -16.37
C ASN B 82 5.53 -16.82 -16.74
N ASN B 83 4.36 -17.48 -16.55
CA ASN B 83 3.13 -17.00 -17.15
C ASN B 83 2.19 -16.40 -16.12
N TRP B 84 1.84 -15.13 -16.31
CA TRP B 84 0.95 -14.38 -15.41
C TRP B 84 -0.40 -14.12 -16.03
N LEU B 85 -1.38 -14.12 -15.13
CA LEU B 85 -2.75 -13.82 -15.38
C LEU B 85 -3.19 -12.89 -14.26
N ARG B 86 -3.91 -11.81 -14.60
CA ARG B 86 -4.28 -10.79 -13.62
C ARG B 86 -5.75 -10.40 -13.75
N THR B 87 -6.47 -10.50 -12.64
CA THR B 87 -7.88 -10.19 -12.61
C THR B 87 -8.13 -8.74 -12.90
N LYS B 88 -9.39 -8.37 -13.01
CA LYS B 88 -9.70 -6.96 -13.03
C LYS B 88 -9.55 -6.43 -11.59
N PHE B 89 -9.76 -5.14 -11.45
CA PHE B 89 -9.66 -4.44 -10.20
C PHE B 89 -10.89 -4.81 -9.44
N ILE B 90 -10.69 -5.25 -8.19
CA ILE B 90 -11.74 -5.65 -7.27
C ILE B 90 -11.89 -4.58 -6.18
N ARG B 91 -13.05 -3.97 -6.07
CA ARG B 91 -13.30 -3.00 -5.00
C ARG B 91 -13.37 -3.69 -3.64
N ARG B 92 -12.84 -3.01 -2.62
CA ARG B 92 -12.68 -3.61 -1.30
C ARG B 92 -14.00 -3.57 -0.53
N ARG B 93 -14.83 -2.59 -0.89
CA ARG B 93 -16.13 -2.31 -0.25
C ARG B 93 -16.10 -2.52 1.26
N GLY B 94 -15.09 -1.98 1.91
CA GLY B 94 -15.06 -2.00 3.39
C GLY B 94 -14.54 -3.26 4.09
N ALA B 95 -14.11 -4.26 3.32
CA ALA B 95 -13.58 -5.50 3.85
C ALA B 95 -12.18 -5.32 4.41
N HIS B 96 -11.82 -6.13 5.39
CA HIS B 96 -10.47 -6.12 5.91
C HIS B 96 -9.75 -7.46 5.66
N ARG B 97 -10.42 -8.59 5.85
CA ARG B 97 -9.77 -9.84 5.50
C ARG B 97 -10.42 -10.39 4.22
N ILE B 98 -9.58 -10.71 3.26
CA ILE B 98 -10.07 -11.16 1.95
C ILE B 98 -9.93 -12.64 1.85
N HIS B 99 -10.99 -13.30 1.38
CA HIS B 99 -10.92 -14.74 1.14
C HIS B 99 -11.05 -15.06 -0.36
N VAL B 100 -10.14 -15.88 -0.87
CA VAL B 100 -10.13 -16.22 -2.28
C VAL B 100 -10.39 -17.69 -2.45
N GLU B 101 -11.59 -18.03 -2.96
CA GLU B 101 -11.90 -19.41 -3.37
C GLU B 101 -11.52 -19.70 -4.81
N MET B 102 -10.67 -20.70 -5.00
CA MET B 102 -10.27 -21.12 -6.29
C MET B 102 -10.79 -22.52 -6.64
N LYS B 103 -11.40 -22.66 -7.83
CA LYS B 103 -11.59 -23.98 -8.44
C LYS B 103 -10.67 -24.15 -9.63
N PHE B 104 -10.01 -25.30 -9.71
CA PHE B 104 -9.03 -25.55 -10.75
C PHE B 104 -8.80 -27.03 -11.02
N SER B 105 -8.11 -27.32 -12.14
CA SER B 105 -7.82 -28.67 -12.59
C SER B 105 -6.38 -28.69 -12.97
N VAL B 106 -5.60 -29.57 -12.37
CA VAL B 106 -4.21 -29.72 -12.73
C VAL B 106 -4.15 -31.03 -13.49
N ARG B 107 -3.48 -31.01 -14.63
CA ARG B 107 -3.12 -32.22 -15.33
C ARG B 107 -1.77 -32.64 -14.79
N ASP B 108 -1.74 -33.81 -14.18
CA ASP B 108 -0.51 -34.33 -13.62
C ASP B 108 0.45 -34.64 -14.71
N CYS B 109 1.72 -34.37 -14.44
CA CYS B 109 2.74 -34.51 -15.42
C CYS B 109 2.83 -35.94 -15.88
N SER B 110 2.49 -36.87 -14.97
CA SER B 110 2.43 -38.32 -15.25
C SER B 110 1.51 -38.65 -16.39
N SER B 111 0.42 -37.92 -16.48
CA SER B 111 -0.57 -38.12 -17.53
CA SER B 111 -0.56 -38.14 -17.53
C SER B 111 -0.34 -37.27 -18.77
N ILE B 112 0.87 -36.79 -19.03
CA ILE B 112 1.11 -35.99 -20.25
C ILE B 112 2.11 -36.76 -21.12
N PRO B 113 1.66 -37.29 -22.27
CA PRO B 113 2.58 -38.05 -23.09
C PRO B 113 3.80 -37.24 -23.46
N SER B 114 4.96 -37.87 -23.32
CA SER B 114 6.21 -37.30 -23.77
C SER B 114 6.65 -36.00 -23.04
N VAL B 115 6.07 -35.66 -21.87
CA VAL B 115 6.54 -34.44 -21.18
C VAL B 115 7.95 -34.59 -20.68
N PRO B 116 8.72 -33.47 -20.76
CA PRO B 116 10.01 -33.30 -20.10
C PRO B 116 9.88 -33.30 -18.56
N GLY B 117 10.97 -33.63 -17.86
CA GLY B 117 10.96 -33.76 -16.40
C GLY B 117 10.76 -32.45 -15.64
N SER B 118 10.78 -31.33 -16.35
CA SER B 118 10.70 -30.04 -15.72
C SER B 118 9.26 -29.66 -15.55
N CYS B 119 8.34 -30.54 -15.96
CA CYS B 119 6.91 -30.33 -15.78
C CYS B 119 6.54 -30.03 -14.31
N LYS B 120 5.54 -29.15 -14.13
CA LYS B 120 5.13 -28.69 -12.82
C LYS B 120 3.66 -28.93 -12.63
N GLU B 121 3.25 -28.86 -11.36
CA GLU B 121 1.89 -29.17 -10.98
C GLU B 121 1.27 -28.19 -10.00
N THR B 122 1.95 -27.07 -9.75
CA THR B 122 1.42 -26.00 -8.87
C THR B 122 1.33 -24.67 -9.58
N PHE B 123 0.55 -23.73 -9.04
CA PHE B 123 0.67 -22.33 -9.34
C PHE B 123 0.77 -21.42 -8.09
N ASN B 124 1.26 -20.19 -8.29
CA ASN B 124 1.19 -19.15 -7.24
C ASN B 124 0.08 -18.18 -7.40
N LEU B 125 -0.44 -17.76 -6.23
CA LEU B 125 -1.42 -16.69 -6.07
C LEU B 125 -0.79 -15.47 -5.37
N TYR B 126 -1.10 -14.26 -5.88
CA TYR B 126 -0.55 -12.99 -5.42
C TYR B 126 -1.67 -11.97 -5.38
N TYR B 127 -1.56 -10.99 -4.50
CA TYR B 127 -2.38 -9.76 -4.63
C TYR B 127 -1.51 -8.52 -4.65
N TYR B 128 -2.14 -7.42 -5.06
CA TYR B 128 -1.58 -6.07 -4.98
C TYR B 128 -2.74 -5.11 -4.73
N GLU B 129 -2.64 -4.24 -3.73
CA GLU B 129 -3.70 -3.26 -3.47
C GLU B 129 -3.44 -1.95 -4.22
N ALA B 130 -4.50 -1.24 -4.58
CA ALA B 130 -4.36 -0.01 -5.33
C ALA B 130 -5.47 0.96 -4.95
N ASP B 131 -5.20 2.25 -5.11
CA ASP B 131 -6.10 3.35 -4.75
C ASP B 131 -7.11 3.63 -5.86
N PHE B 132 -6.78 3.17 -7.06
CA PHE B 132 -7.64 3.24 -8.19
C PHE B 132 -7.23 2.14 -9.15
N ASP B 133 -8.03 1.97 -10.20
CA ASP B 133 -7.74 1.03 -11.25
C ASP B 133 -6.60 1.54 -12.05
N SER B 134 -5.40 1.22 -11.58
CA SER B 134 -4.18 1.78 -12.10
C SER B 134 -3.39 0.85 -13.06
N ALA B 135 -3.81 -0.40 -13.15
CA ALA B 135 -3.01 -1.36 -13.89
C ALA B 135 -3.07 -1.11 -15.41
N THR B 136 -1.98 -1.48 -16.08
CA THR B 136 -1.78 -1.34 -17.50
C THR B 136 -1.05 -2.62 -17.94
N LYS B 137 -0.55 -2.66 -19.17
CA LYS B 137 0.14 -3.85 -19.65
C LYS B 137 1.42 -4.11 -18.90
N THR B 138 2.15 -3.06 -18.55
CA THR B 138 3.50 -3.09 -17.98
C THR B 138 3.52 -2.80 -16.46
N PHE B 139 2.43 -2.26 -15.93
CA PHE B 139 2.38 -1.94 -14.52
C PHE B 139 1.15 -2.55 -13.86
N PRO B 140 1.32 -3.10 -12.64
CA PRO B 140 2.58 -3.32 -11.93
C PRO B 140 3.49 -4.39 -12.54
N ASN B 141 4.79 -4.30 -12.24
CA ASN B 141 5.74 -5.27 -12.73
C ASN B 141 5.26 -6.70 -12.44
N TRP B 142 5.43 -7.53 -13.44
CA TRP B 142 5.05 -8.92 -13.44
C TRP B 142 6.03 -9.71 -12.63
N MET B 143 6.11 -9.40 -11.34
CA MET B 143 6.97 -10.13 -10.42
C MET B 143 6.63 -9.89 -8.97
N GLU B 144 6.99 -10.83 -8.11
CA GLU B 144 6.87 -10.66 -6.67
C GLU B 144 7.58 -9.38 -6.22
N ASN B 145 6.84 -8.52 -5.51
CA ASN B 145 7.30 -7.16 -5.25
C ASN B 145 7.30 -6.30 -6.52
N PRO B 146 6.11 -5.87 -6.94
CA PRO B 146 5.16 -5.24 -6.03
C PRO B 146 4.04 -6.19 -5.63
N TRP B 147 3.98 -7.36 -6.27
CA TRP B 147 2.98 -8.36 -5.96
C TRP B 147 3.30 -9.05 -4.64
N VAL B 148 2.27 -9.26 -3.82
CA VAL B 148 2.43 -9.92 -2.52
C VAL B 148 1.97 -11.37 -2.69
N LYS B 149 2.88 -12.32 -2.50
CA LYS B 149 2.56 -13.76 -2.59
C LYS B 149 1.62 -14.16 -1.49
N VAL B 150 0.51 -14.77 -1.85
CA VAL B 150 -0.42 -15.34 -0.87
C VAL B 150 0.07 -16.76 -0.55
N ASP B 151 0.19 -17.61 -1.55
CA ASP B 151 0.62 -18.97 -1.35
C ASP B 151 0.87 -19.64 -2.68
N THR B 152 1.64 -20.71 -2.65
CA THR B 152 1.74 -21.69 -3.74
C THR B 152 0.59 -22.68 -3.62
N ILE B 153 -0.16 -22.88 -4.71
CA ILE B 153 -1.39 -23.69 -4.68
C ILE B 153 -1.14 -24.98 -5.44
N ALA B 154 -1.64 -26.06 -4.86
CA ALA B 154 -1.51 -27.40 -5.42
C ALA B 154 -2.77 -28.16 -5.15
N ALA B 155 -3.05 -29.09 -6.05
CA ALA B 155 -4.09 -30.06 -5.87
C ALA B 155 -3.76 -31.02 -4.73
N ASP B 156 -4.67 -31.10 -3.77
CA ASP B 156 -4.67 -32.18 -2.77
C ASP B 156 -5.85 -33.18 -2.97
N GLU B 157 -6.12 -33.94 -1.90
CA GLU B 157 -6.77 -35.22 -2.03
C GLU B 157 -8.24 -35.20 -1.85
N SER B 158 -8.84 -34.01 -1.82
CA SER B 158 -10.29 -33.93 -1.78
C SER B 158 -10.76 -33.39 -3.09
N PHE B 159 -11.55 -34.16 -3.81
CA PHE B 159 -12.01 -33.73 -5.12
C PHE B 159 -13.13 -34.58 -5.67
N SER B 160 -13.74 -34.04 -6.72
CA SER B 160 -14.71 -34.73 -7.57
C SER B 160 -14.03 -35.03 -8.91
N GLN B 161 -14.28 -36.21 -9.44
CA GLN B 161 -13.65 -36.61 -10.69
C GLN B 161 -14.70 -37.29 -11.54
N VAL B 162 -14.85 -36.87 -12.78
CA VAL B 162 -15.80 -37.55 -13.66
C VAL B 162 -15.10 -37.95 -14.92
N ASP B 163 -15.72 -38.82 -15.68
CA ASP B 163 -15.05 -39.36 -16.87
C ASP B 163 -15.71 -38.73 -18.08
N LEU B 164 -14.97 -37.91 -18.82
CA LEU B 164 -15.49 -37.29 -20.04
C LEU B 164 -15.07 -38.09 -21.27
N GLY B 165 -15.62 -39.29 -21.41
CA GLY B 165 -15.38 -40.11 -22.58
C GLY B 165 -13.99 -40.71 -22.60
N GLY B 166 -13.47 -41.01 -21.41
CA GLY B 166 -12.15 -41.60 -21.28
C GLY B 166 -11.10 -40.58 -20.92
N ARG B 167 -11.54 -39.36 -20.63
CA ARG B 167 -10.66 -38.36 -20.01
C ARG B 167 -11.30 -37.79 -18.74
N VAL B 168 -10.52 -37.76 -17.66
CA VAL B 168 -11.02 -37.32 -16.39
C VAL B 168 -10.69 -35.86 -16.22
N MET B 169 -11.78 -35.12 -16.16
CA MET B 169 -12.08 -34.09 -15.22
C MET B 169 -12.04 -34.34 -13.74
N LYS B 170 -11.07 -33.71 -13.13
CA LYS B 170 -10.95 -33.57 -11.71
C LYS B 170 -10.84 -32.10 -11.27
N ILE B 171 -11.76 -31.63 -10.45
CA ILE B 171 -11.73 -30.25 -9.97
C ILE B 171 -11.42 -30.08 -8.47
N ASN B 172 -10.26 -29.52 -8.13
CA ASN B 172 -9.96 -29.18 -6.73
C ASN B 172 -10.50 -27.79 -6.35
N THR B 173 -10.85 -27.63 -5.08
CA THR B 173 -11.19 -26.37 -4.48
C THR B 173 -10.21 -26.05 -3.33
N GLU B 174 -9.78 -24.81 -3.26
CA GLU B 174 -8.72 -24.44 -2.37
C GLU B 174 -9.09 -23.00 -2.03
N VAL B 175 -9.15 -22.68 -0.75
CA VAL B 175 -9.35 -21.32 -0.31
C VAL B 175 -8.08 -20.83 0.36
N ARG B 176 -7.81 -19.53 0.16
CA ARG B 176 -6.72 -18.83 0.85
C ARG B 176 -7.21 -17.45 1.25
N SER B 177 -6.61 -16.95 2.32
CA SER B 177 -6.97 -15.65 2.83
CA SER B 177 -6.97 -15.66 2.84
C SER B 177 -5.75 -14.74 2.93
N PHE B 178 -6.01 -13.45 2.95
CA PHE B 178 -4.92 -12.51 3.09
C PHE B 178 -5.45 -11.23 3.65
N GLY B 179 -4.56 -10.48 4.26
CA GLY B 179 -4.90 -9.15 4.69
C GLY B 179 -4.12 -8.68 5.90
N PRO B 180 -4.57 -7.55 6.46
CA PRO B 180 -5.78 -6.89 5.93
C PRO B 180 -5.43 -5.71 5.05
N VAL B 181 -6.47 -5.17 4.44
CA VAL B 181 -6.42 -4.43 3.19
C VAL B 181 -7.07 -3.09 3.49
N SER B 182 -6.48 -1.99 3.06
CA SER B 182 -6.91 -0.67 3.52
C SER B 182 -7.44 0.17 2.37
N ARG B 183 -7.09 -0.23 1.14
CA ARG B 183 -7.12 0.69 0.01
C ARG B 183 -8.34 0.43 -0.88
N SER B 184 -8.54 1.31 -1.86
CA SER B 184 -9.79 1.35 -2.60
C SER B 184 -10.12 -0.01 -3.20
N GLY B 185 -9.09 -0.75 -3.59
CA GLY B 185 -9.26 -2.11 -4.08
C GLY B 185 -7.96 -2.85 -4.28
N PHE B 186 -8.05 -3.99 -4.96
CA PHE B 186 -6.88 -4.84 -5.23
C PHE B 186 -7.10 -5.70 -6.49
N TYR B 187 -6.01 -6.35 -6.90
CA TYR B 187 -6.00 -7.28 -8.03
C TYR B 187 -5.50 -8.57 -7.47
N LEU B 188 -5.92 -9.70 -8.08
CA LEU B 188 -5.19 -10.97 -7.90
C LEU B 188 -4.33 -11.32 -9.13
N ALA B 189 -3.26 -12.08 -8.90
CA ALA B 189 -2.45 -12.64 -9.96
C ALA B 189 -2.11 -14.12 -9.76
N PHE B 190 -2.23 -14.84 -10.87
CA PHE B 190 -1.93 -16.24 -10.89
C PHE B 190 -0.70 -16.43 -11.74
N GLN B 191 0.32 -17.11 -11.24
CA GLN B 191 1.56 -17.33 -11.97
C GLN B 191 1.80 -18.81 -12.18
N ASP B 192 2.04 -19.19 -13.43
CA ASP B 192 2.45 -20.57 -13.82
C ASP B 192 3.90 -20.55 -14.25
N TYR B 193 4.57 -21.66 -14.05
CA TYR B 193 5.99 -21.76 -14.32
C TYR B 193 6.28 -23.15 -14.96
N GLY B 194 5.40 -23.57 -15.86
CA GLY B 194 5.69 -24.73 -16.73
C GLY B 194 4.92 -26.00 -16.41
N GLY B 195 3.67 -25.83 -15.98
CA GLY B 195 2.74 -26.93 -15.86
C GLY B 195 1.57 -26.83 -16.81
N CYS B 196 0.51 -27.54 -16.45
CA CYS B 196 -0.58 -27.78 -17.35
C CYS B 196 -1.82 -27.85 -16.52
N MET B 197 -2.64 -26.80 -16.57
CA MET B 197 -3.74 -26.64 -15.68
C MET B 197 -4.75 -25.69 -16.23
N SER B 198 -5.89 -25.67 -15.59
CA SER B 198 -6.93 -24.75 -15.89
C SER B 198 -7.50 -24.20 -14.58
N LEU B 199 -7.50 -22.88 -14.52
CA LEU B 199 -8.16 -22.15 -13.47
C LEU B 199 -9.59 -21.92 -13.91
N ILE B 200 -10.52 -22.56 -13.17
CA ILE B 200 -11.94 -22.69 -13.52
C ILE B 200 -12.82 -21.61 -12.89
N ALA B 201 -12.53 -21.26 -11.65
CA ALA B 201 -13.30 -20.25 -10.95
C ALA B 201 -12.49 -19.57 -9.84
N VAL B 202 -12.86 -18.31 -9.57
CA VAL B 202 -12.26 -17.48 -8.55
C VAL B 202 -13.46 -16.73 -8.01
N ARG B 203 -13.83 -17.04 -6.76
CA ARG B 203 -14.72 -16.21 -5.99
C ARG B 203 -13.91 -15.53 -4.89
N VAL B 204 -14.10 -14.23 -4.80
CA VAL B 204 -13.41 -13.40 -3.81
C VAL B 204 -14.46 -12.89 -2.85
N PHE B 205 -14.24 -13.12 -1.55
CA PHE B 205 -15.21 -12.69 -0.54
C PHE B 205 -14.63 -12.32 0.86
N TYR B 206 -15.46 -11.66 1.62
CA TYR B 206 -15.39 -11.64 3.05
C TYR B 206 -16.80 -11.73 3.52
N ARG B 207 -17.05 -11.25 4.71
CA ARG B 207 -17.54 -12.04 5.81
C ARG B 207 -17.96 -11.01 6.81
N SER C 1 -4.74 -37.61 -14.55
CA SER C 1 -6.12 -37.02 -14.66
C SER C 1 -6.08 -35.71 -15.45
N ASN C 2 -7.25 -35.22 -15.81
CA ASN C 2 -7.34 -33.99 -16.58
C ASN C 2 -6.61 -34.02 -17.96
N GLU C 3 -6.79 -35.10 -18.72
CA GLU C 3 -6.15 -35.28 -20.03
C GLU C 3 -6.86 -34.50 -21.12
N TRP C 4 -7.91 -33.81 -20.77
CA TRP C 4 -8.62 -32.91 -21.68
C TRP C 4 -7.94 -31.52 -21.83
N ILE C 5 -6.92 -31.23 -21.03
CA ILE C 5 -6.18 -29.97 -21.14
C ILE C 5 -5.02 -30.18 -22.10
N GLN C 6 -5.07 -29.52 -23.24
CA GLN C 6 -4.11 -29.83 -24.30
C GLN C 6 -2.83 -29.06 -24.15
N PRO C 7 -1.69 -29.73 -24.33
CA PRO C 7 -0.45 -28.98 -24.38
C PRO C 7 -0.49 -27.93 -25.47
N ARG C 8 -0.06 -26.70 -25.17
CA ARG C 8 0.27 -25.74 -26.22
C ARG C 8 1.62 -26.09 -26.74
N LEU C 9 1.79 -25.83 -28.01
CA LEU C 9 2.92 -26.25 -28.78
C LEU C 9 3.79 -25.04 -29.09
N PRO C 10 5.11 -25.22 -29.08
CA PRO C 10 6.06 -24.08 -29.15
C PRO C 10 5.88 -23.18 -30.38
N GLN C 11 6.02 -21.87 -30.12
CA GLN C 11 5.15 -20.82 -30.68
C GLN C 11 5.87 -19.68 -31.46
N SER D 1 14.19 27.51 25.46
CA SER D 1 12.84 27.86 26.03
C SER D 1 11.77 28.53 25.18
N ASN D 2 12.10 29.26 24.12
CA ASN D 2 11.09 29.55 23.10
C ASN D 2 9.82 30.31 23.52
N GLU D 3 10.02 31.33 24.37
CA GLU D 3 8.96 32.16 24.93
C GLU D 3 8.28 33.09 23.94
N TRP D 4 8.75 33.05 22.70
CA TRP D 4 8.16 33.80 21.61
C TRP D 4 6.96 33.08 20.98
N ILE D 5 6.66 31.87 21.43
CA ILE D 5 5.57 31.07 20.84
C ILE D 5 4.34 31.34 21.68
N GLN D 6 3.43 32.11 21.12
CA GLN D 6 2.32 32.59 21.93
C GLN D 6 1.23 31.56 22.07
N PRO D 7 0.76 31.34 23.27
CA PRO D 7 -0.47 30.58 23.45
C PRO D 7 -1.65 31.15 22.70
N ARG D 8 -2.50 30.28 22.22
CA ARG D 8 -3.91 30.55 22.02
C ARG D 8 -4.81 30.05 23.12
N LEU D 9 -5.46 31.00 23.79
CA LEU D 9 -6.81 31.39 23.46
C LEU D 9 -7.18 30.97 22.06
#